data_4WTF
#
_entry.id   4WTF
#
_cell.length_a   141.650
_cell.length_b   141.650
_cell.length_c   91.640
_cell.angle_alpha   90.000
_cell.angle_beta   90.000
_cell.angle_gamma   120.000
#
_symmetry.space_group_name_H-M   'P 65'
#
loop_
_entity.id
_entity.type
_entity.pdbx_description
1 polymer 'RNA PRIMER TEMPLATE CAAAAUUU'
2 polymer 'RNA-directed RNA polymerase'
3 non-polymer 'MANGANESE (II) ION'
4 non-polymer 'CHLORIDE ION'
5 non-polymer "2'-C-methyluridine 5'-(trihydrogen diphosphate)"
6 water water
#
loop_
_entity_poly.entity_id
_entity_poly.type
_entity_poly.pdbx_seq_one_letter_code
_entity_poly.pdbx_strand_id
1 'polyribonucleotide' CAAAAUUU T,P
2 'polypeptide(L)'
;MSSMSYSWTGALITPCGPEEEKLPINPLSNSLLRYHNKVYCTTSKSASQRAKKVTFDRTQVLDAHYDSVLKDIKLAASKV
SARLLTLQQACQLTPPHSARSKYGFGAKEVRSLSGRAVNHIKSVWKDLLEDPQTPIPTTIMAKNEVFCVDPAKGGKKPAR
LIVYPDLGVRVCEKMALYDITQKLPQAVMGASYGFQYSPAQRVEYLLKAWAEKKDPMGFSYDTRHFDSTVTERDIRTEES
IYQACSLPEEARTAIHSLTERLYVGGPMFNSKGQTCGYRRCRASGVLTTSMGNTITCYVKALAACKAAGIVAPTMLVCGD
DLIVISESQGTEEDERNLRAFTEAMTRYSAPPGDPPRPEYDLELITSCSSNVSVALGPRGRRRYYLTRDPTTPLARAAWE
TVRHSPINSWLGNIIQYAPTIWVRMVLMTHFFSILMVQDTLDQNLGGVNPLDLPAIIERLHGLDAFSMHTYSHHELTRVA
SALRKLGAPPLRVWKSRARAVRASLISRGGKAAVCGRYLFNWAVKTKLKLTPLPEARLLDLSSWFTVGAGGGDIFHSVSR
ARPRLEHHHHHH
;
A
#
loop_
_chem_comp.id
_chem_comp.type
_chem_comp.name
_chem_comp.formula
5GS non-polymer '2'-C-methyluridine 5'-(trihydrogen diphosphate)' 'C10 H16 N2 O12 P2'
A RNA linking ADENOSINE-5'-MONOPHOSPHATE 'C10 H14 N5 O7 P'
C RNA linking CYTIDINE-5'-MONOPHOSPHATE 'C9 H14 N3 O8 P'
CL non-polymer 'CHLORIDE ION' 'Cl -1'
MN non-polymer 'MANGANESE (II) ION' 'Mn 2'
U RNA linking URIDINE-5'-MONOPHOSPHATE 'C9 H13 N2 O9 P'
#
# COMPACT_ATOMS: atom_id res chain seq x y z
N SER C 2 1.84 -2.73 -30.17
CA SER C 2 3.13 -2.02 -30.45
C SER C 2 4.23 -2.37 -29.42
N SER C 3 4.12 -1.83 -28.20
CA SER C 3 5.18 -1.94 -27.21
C SER C 3 5.12 -3.30 -26.50
N MET C 4 6.19 -4.05 -26.56
CA MET C 4 6.42 -5.12 -25.59
C MET C 4 6.79 -4.46 -24.24
N SER C 5 6.35 -5.04 -23.13
CA SER C 5 6.60 -4.46 -21.81
C SER C 5 8.01 -4.78 -21.32
N TYR C 6 8.52 -5.95 -21.66
CA TYR C 6 9.87 -6.35 -21.33
C TYR C 6 10.40 -7.31 -22.40
N SER C 7 11.73 -7.46 -22.45
CA SER C 7 12.42 -8.50 -23.22
C SER C 7 13.42 -9.09 -22.26
N TRP C 8 13.86 -10.32 -22.51
CA TRP C 8 14.73 -11.01 -21.55
C TRP C 8 15.91 -11.72 -22.17
N THR C 9 17.11 -11.43 -21.69
CA THR C 9 18.26 -12.18 -22.15
C THR C 9 18.21 -13.65 -21.79
N GLY C 10 17.66 -13.95 -20.62
CA GLY C 10 17.63 -15.33 -20.14
C GLY C 10 18.52 -15.47 -18.93
N ALA C 11 19.30 -14.43 -18.62
CA ALA C 11 19.99 -14.38 -17.32
C ALA C 11 18.96 -14.46 -16.19
N LEU C 12 19.33 -15.06 -15.07
CA LEU C 12 18.41 -15.17 -13.92
C LEU C 12 18.22 -13.84 -13.17
N ILE C 13 17.13 -13.77 -12.42
CA ILE C 13 16.92 -12.68 -11.48
C ILE C 13 17.40 -13.18 -10.13
N THR C 14 18.63 -12.78 -9.80
CA THR C 14 19.36 -13.31 -8.65
C THR C 14 18.99 -12.58 -7.36
N PRO C 15 19.22 -13.21 -6.20
CA PRO C 15 18.91 -12.60 -4.91
C PRO C 15 19.94 -11.56 -4.43
N CYS C 16 19.49 -10.53 -3.72
CA CYS C 16 20.35 -9.43 -3.26
C CYS C 16 21.00 -9.83 -1.93
N GLY C 17 20.18 -10.29 -0.97
CA GLY C 17 20.66 -10.99 0.23
C GLY C 17 20.47 -12.52 0.14
N PRO C 18 20.39 -13.22 1.29
CA PRO C 18 19.92 -14.58 1.33
C PRO C 18 18.49 -14.58 1.89
N GLU C 19 17.68 -15.52 1.43
CA GLU C 19 16.24 -15.54 1.72
C GLU C 19 15.98 -16.60 2.79
N GLU C 20 15.82 -16.16 4.04
CA GLU C 20 15.83 -17.06 5.20
C GLU C 20 14.65 -18.04 5.14
N GLU C 21 14.83 -19.18 5.81
CA GLU C 21 13.79 -20.21 5.94
C GLU C 21 13.17 -20.12 7.31
N LYS C 22 11.91 -20.48 7.46
CA LYS C 22 11.39 -20.72 8.82
C LYS C 22 12.22 -21.84 9.45
N LEU C 23 12.03 -22.04 10.74
CA LEU C 23 12.78 -23.04 11.50
C LEU C 23 11.83 -24.05 12.07
N PRO C 24 12.33 -25.23 12.44
CA PRO C 24 11.46 -26.28 12.97
C PRO C 24 10.65 -25.85 14.17
N ILE C 25 11.12 -24.85 14.92
CA ILE C 25 10.31 -24.30 16.00
C ILE C 25 10.16 -22.80 15.87
N ASN C 26 8.91 -22.32 15.96
CA ASN C 26 8.56 -20.90 15.98
C ASN C 26 8.01 -20.49 17.34
N PRO C 27 8.89 -20.14 18.29
CA PRO C 27 8.49 -20.02 19.68
C PRO C 27 7.64 -18.80 19.96
N LEU C 28 7.76 -17.75 19.15
CA LEU C 28 6.81 -16.61 19.31
C LEU C 28 5.41 -16.89 18.80
N SER C 29 5.27 -17.63 17.70
CA SER C 29 3.94 -17.86 17.08
C SER C 29 3.35 -19.26 17.17
N ASN C 30 4.04 -20.23 17.73
CA ASN C 30 3.42 -21.57 17.79
C ASN C 30 2.24 -21.68 18.74
N SER C 31 1.99 -20.67 19.56
CA SER C 31 0.77 -20.64 20.34
C SER C 31 -0.31 -19.81 19.64
N LEU C 32 0.07 -19.06 18.61
CA LEU C 32 -0.86 -18.25 17.83
C LEU C 32 -1.55 -19.11 16.77
N LEU C 33 -0.78 -19.91 16.03
CA LEU C 33 -1.38 -20.80 15.04
C LEU C 33 -0.51 -22.05 14.80
N ARG C 34 -1.11 -23.10 14.21
CA ARG C 34 -0.43 -24.39 14.02
C ARG C 34 0.08 -24.63 12.59
N TYR C 35 -0.57 -24.06 11.58
CA TYR C 35 -0.25 -24.42 10.19
C TYR C 35 0.89 -23.61 9.57
N HIS C 36 2.07 -23.73 10.17
CA HIS C 36 3.23 -22.95 9.78
C HIS C 36 3.74 -23.26 8.38
N ASN C 37 3.32 -24.42 7.89
CA ASN C 37 3.65 -24.89 6.56
C ASN C 37 2.98 -24.04 5.48
N LYS C 38 1.90 -23.37 5.84
CA LYS C 38 1.19 -22.51 4.93
C LYS C 38 1.78 -21.09 4.81
N VAL C 39 2.75 -20.78 5.65
CA VAL C 39 3.28 -19.44 5.68
C VAL C 39 4.61 -19.45 4.95
N TYR C 40 4.68 -18.70 3.87
CA TYR C 40 5.85 -18.70 3.02
C TYR C 40 6.27 -17.26 2.63
N CYS C 41 7.53 -17.11 2.23
CA CYS C 41 8.05 -15.85 1.70
C CYS C 41 8.36 -16.01 0.21
N THR C 42 7.91 -15.05 -0.59
CA THR C 42 8.16 -15.08 -2.03
C THR C 42 9.63 -14.96 -2.38
N THR C 43 10.10 -15.91 -3.15
CA THR C 43 11.53 -16.07 -3.38
C THR C 43 11.98 -15.50 -4.74
N SER C 44 13.29 -15.35 -4.92
CA SER C 44 13.79 -14.88 -6.21
C SER C 44 13.72 -15.97 -7.29
N LYS C 45 13.89 -17.26 -6.96
CA LYS C 45 13.58 -18.33 -7.95
C LYS C 45 12.20 -18.08 -8.57
N SER C 46 11.22 -17.65 -7.79
CA SER C 46 9.86 -17.45 -8.32
C SER C 46 9.74 -16.31 -9.34
N ALA C 47 10.78 -15.47 -9.43
CA ALA C 47 10.72 -14.25 -10.21
C ALA C 47 10.54 -14.53 -11.69
N SER C 48 11.20 -15.59 -12.16
CA SER C 48 11.00 -16.10 -13.51
C SER C 48 9.51 -16.20 -13.84
N GLN C 49 8.73 -16.87 -12.97
CA GLN C 49 7.29 -17.07 -13.19
C GLN C 49 6.60 -15.71 -13.29
N ARG C 50 7.02 -14.75 -12.46
CA ARG C 50 6.42 -13.41 -12.48
C ARG C 50 6.69 -12.70 -13.80
N ALA C 51 7.94 -12.75 -14.23
CA ALA C 51 8.33 -12.19 -15.53
C ALA C 51 7.51 -12.69 -16.72
N LYS C 52 7.26 -13.99 -16.81
CA LYS C 52 6.39 -14.52 -17.87
C LYS C 52 5.00 -13.85 -17.75
N LYS C 53 4.45 -13.73 -16.54
CA LYS C 53 3.10 -13.24 -16.42
C LYS C 53 2.99 -11.76 -16.79
N VAL C 54 4.09 -11.01 -16.75
CA VAL C 54 4.00 -9.54 -17.00
C VAL C 54 4.59 -9.08 -18.33
N THR C 55 5.36 -9.94 -18.97
CA THR C 55 5.80 -9.69 -20.32
C THR C 55 4.67 -9.88 -21.34
N PHE C 56 4.14 -8.81 -21.90
CA PHE C 56 3.13 -8.91 -22.95
C PHE C 56 3.12 -7.66 -23.80
N ASP C 57 2.40 -7.74 -24.92
CA ASP C 57 2.33 -6.66 -25.88
C ASP C 57 1.16 -5.73 -25.58
N ARG C 58 1.45 -4.46 -25.33
CA ARG C 58 0.40 -3.45 -25.08
C ARG C 58 0.01 -2.78 -26.36
N THR C 59 -1.27 -2.49 -26.48
CA THR C 59 -1.78 -1.64 -27.54
C THR C 59 -2.68 -0.67 -26.82
N GLN C 60 -2.88 0.50 -27.38
CA GLN C 60 -3.53 1.53 -26.63
C GLN C 60 -4.25 2.43 -27.60
N VAL C 61 -5.51 2.72 -27.30
CA VAL C 61 -6.34 3.53 -28.14
C VAL C 61 -7.08 4.52 -27.27
N LEU C 62 -6.74 5.78 -27.42
CA LEU C 62 -7.27 6.82 -26.57
C LEU C 62 -8.49 7.35 -27.30
N ASP C 63 -9.10 8.43 -26.82
CA ASP C 63 -10.31 8.95 -27.45
C ASP C 63 -10.72 10.31 -26.88
N ALA C 64 -11.76 10.91 -27.43
CA ALA C 64 -12.15 12.27 -27.01
C ALA C 64 -12.27 12.40 -25.50
N HIS C 65 -12.77 11.36 -24.83
CA HIS C 65 -12.95 11.41 -23.36
C HIS C 65 -11.61 11.48 -22.62
N TYR C 66 -10.67 10.63 -23.01
CA TYR C 66 -9.28 10.74 -22.54
C TYR C 66 -8.74 12.18 -22.75
N ASP C 67 -8.72 12.64 -24.01
CA ASP C 67 -8.14 13.94 -24.38
C ASP C 67 -8.71 15.01 -23.50
N SER C 68 -10.03 14.95 -23.35
CA SER C 68 -10.72 15.95 -22.57
C SER C 68 -10.29 15.94 -21.10
N VAL C 69 -10.06 14.74 -20.56
CA VAL C 69 -9.74 14.61 -19.15
C VAL C 69 -8.28 15.03 -18.96
N LEU C 70 -7.43 14.59 -19.88
CA LEU C 70 -6.04 15.01 -19.89
C LEU C 70 -5.89 16.53 -19.94
N LYS C 71 -6.68 17.19 -20.80
CA LYS C 71 -6.66 18.66 -20.92
C LYS C 71 -6.99 19.26 -19.56
N ASP C 72 -8.14 18.91 -19.01
CA ASP C 72 -8.58 19.52 -17.77
C ASP C 72 -7.53 19.37 -16.68
N ILE C 73 -6.74 18.29 -16.78
CA ILE C 73 -5.77 17.93 -15.77
C ILE C 73 -4.52 18.81 -15.86
N LYS C 74 -4.15 19.19 -17.08
CA LYS C 74 -3.09 20.18 -17.26
C LYS C 74 -3.49 21.58 -16.80
N LEU C 75 -4.70 22.04 -17.11
CA LEU C 75 -5.17 23.32 -16.51
C LEU C 75 -5.12 23.26 -14.96
N ALA C 76 -5.34 22.09 -14.36
CA ALA C 76 -5.17 21.96 -12.90
C ALA C 76 -3.70 22.02 -12.50
N ALA C 77 -2.84 21.31 -13.25
CA ALA C 77 -1.40 21.25 -13.00
C ALA C 77 -0.76 22.62 -12.94
N SER C 78 -1.18 23.51 -13.84
CA SER C 78 -0.52 24.79 -14.01
C SER C 78 -0.91 25.81 -12.97
N LYS C 79 -1.88 25.53 -12.10
CA LYS C 79 -2.06 26.36 -10.88
C LYS C 79 -1.08 25.91 -9.77
N VAL C 80 0.07 25.34 -10.15
CA VAL C 80 1.06 24.79 -9.21
C VAL C 80 2.44 25.30 -9.56
N SER C 81 3.18 25.76 -8.55
CA SER C 81 4.58 26.03 -8.81
C SER C 81 5.42 25.28 -7.81
N ALA C 82 6.58 24.86 -8.29
CA ALA C 82 7.33 23.85 -7.64
C ALA C 82 8.79 24.14 -7.81
N ARG C 83 9.55 23.99 -6.73
CA ARG C 83 10.98 24.34 -6.73
C ARG C 83 11.88 23.11 -6.90
N LEU C 84 13.11 23.34 -7.36
CA LEU C 84 14.18 22.34 -7.17
C LEU C 84 14.50 22.14 -5.69
N LEU C 85 15.14 21.05 -5.38
CA LEU C 85 15.52 20.77 -4.02
C LEU C 85 17.05 20.83 -4.10
N THR C 86 17.68 21.33 -3.05
CA THR C 86 19.12 21.43 -3.07
C THR C 86 19.65 20.01 -3.04
N LEU C 87 20.79 19.79 -3.66
CA LEU C 87 21.40 18.49 -3.59
C LEU C 87 21.35 17.99 -2.16
N GLN C 88 21.54 18.88 -1.20
CA GLN C 88 21.69 18.46 0.19
C GLN C 88 20.35 18.07 0.79
N GLN C 89 19.31 18.84 0.53
CA GLN C 89 17.99 18.49 1.09
C GLN C 89 17.52 17.13 0.54
N ALA C 90 17.77 16.87 -0.74
CA ALA C 90 17.45 15.61 -1.34
C ALA C 90 18.23 14.45 -0.74
N CYS C 91 19.51 14.65 -0.50
CA CYS C 91 20.35 13.65 0.18
C CYS C 91 19.74 13.19 1.51
N GLN C 92 19.07 14.08 2.21
CA GLN C 92 18.56 13.78 3.52
C GLN C 92 17.09 13.44 3.54
N LEU C 93 16.49 13.26 2.39
CA LEU C 93 15.25 12.52 2.32
C LEU C 93 15.55 11.06 2.04
N THR C 94 16.80 10.71 1.84
CA THR C 94 17.15 9.32 1.63
C THR C 94 16.90 8.49 2.90
N PRO C 95 16.26 7.31 2.78
CA PRO C 95 16.06 6.46 3.96
C PRO C 95 17.35 5.87 4.50
N PRO C 96 17.37 5.57 5.78
CA PRO C 96 18.63 5.21 6.41
C PRO C 96 19.22 3.92 5.91
N HIS C 97 18.40 3.01 5.42
CA HIS C 97 18.93 1.72 4.97
C HIS C 97 18.96 1.59 3.45
N SER C 98 18.68 2.69 2.74
CA SER C 98 18.60 2.69 1.27
C SER C 98 19.79 2.00 0.65
N ALA C 99 19.51 1.10 -0.28
CA ALA C 99 20.54 0.33 -0.94
C ALA C 99 21.69 1.21 -1.42
N ARG C 100 22.88 0.76 -1.10
CA ARG C 100 24.08 1.53 -1.32
C ARG C 100 24.34 1.68 -2.82
N SER C 101 25.26 2.57 -3.14
CA SER C 101 25.68 2.85 -4.49
C SER C 101 26.77 1.91 -4.95
N LYS C 102 26.77 1.61 -6.25
CA LYS C 102 27.85 0.84 -6.89
C LYS C 102 29.19 1.55 -6.73
N TYR C 103 29.15 2.88 -6.66
CA TYR C 103 30.34 3.69 -6.56
C TYR C 103 30.83 3.93 -5.12
N GLY C 104 30.90 2.87 -4.32
CA GLY C 104 31.53 2.90 -2.99
C GLY C 104 31.04 3.88 -1.92
N PHE C 105 29.73 4.03 -1.79
CA PHE C 105 29.16 4.69 -0.62
C PHE C 105 27.69 4.29 -0.51
N GLY C 106 27.13 4.43 0.69
CA GLY C 106 25.76 4.08 0.95
C GLY C 106 25.04 5.23 1.59
N ALA C 107 23.92 4.92 2.23
CA ALA C 107 23.01 5.93 2.72
C ALA C 107 23.56 6.71 3.90
N LYS C 108 24.34 6.06 4.78
CA LYS C 108 24.96 6.80 5.89
C LYS C 108 25.68 8.06 5.35
N GLU C 109 26.55 7.85 4.36
CA GLU C 109 27.36 8.89 3.73
C GLU C 109 26.44 9.91 3.08
N VAL C 110 25.46 9.45 2.33
CA VAL C 110 24.57 10.38 1.69
C VAL C 110 23.90 11.25 2.74
N ARG C 111 23.41 10.66 3.81
CA ARG C 111 22.59 11.44 4.74
C ARG C 111 23.46 12.37 5.58
N SER C 112 24.73 12.01 5.75
CA SER C 112 25.67 12.79 6.52
C SER C 112 26.43 13.78 5.64
N LEU C 113 26.13 13.75 4.35
CA LEU C 113 26.75 14.63 3.36
C LEU C 113 28.27 14.44 3.27
N SER C 114 28.74 13.19 3.38
CA SER C 114 30.13 12.92 3.12
C SER C 114 30.44 13.51 1.77
N GLY C 115 31.66 13.96 1.60
CA GLY C 115 32.08 14.62 0.37
C GLY C 115 32.28 13.73 -0.85
N ARG C 116 32.70 12.48 -0.67
CA ARG C 116 32.74 11.56 -1.82
C ARG C 116 31.33 11.41 -2.43
N ALA C 117 30.35 11.22 -1.55
CA ALA C 117 28.96 11.02 -1.98
C ALA C 117 28.43 12.24 -2.71
N VAL C 118 28.62 13.41 -2.11
CA VAL C 118 28.15 14.65 -2.70
C VAL C 118 28.78 14.96 -4.07
N ASN C 119 30.05 14.64 -4.23
CA ASN C 119 30.70 14.89 -5.51
C ASN C 119 30.22 13.99 -6.59
N HIS C 120 30.00 12.71 -6.28
CA HIS C 120 29.37 11.79 -7.24
C HIS C 120 27.95 12.23 -7.59
N ILE C 121 27.21 12.68 -6.61
CA ILE C 121 25.88 13.13 -6.90
C ILE C 121 25.94 14.37 -7.79
N LYS C 122 26.94 15.22 -7.60
CA LYS C 122 27.08 16.45 -8.40
C LYS C 122 27.29 16.13 -9.84
N SER C 123 28.17 15.17 -10.10
CA SER C 123 28.46 14.79 -11.47
C SER C 123 27.26 14.10 -12.13
N VAL C 124 26.49 13.34 -11.34
CA VAL C 124 25.33 12.64 -11.87
C VAL C 124 24.28 13.60 -12.33
N TRP C 125 24.07 14.65 -11.56
CA TRP C 125 23.16 15.71 -11.97
C TRP C 125 23.66 16.54 -13.17
N LYS C 126 24.98 16.68 -13.26
CA LYS C 126 25.61 17.31 -14.41
C LYS C 126 25.21 16.58 -15.67
N ASP C 127 25.50 15.28 -15.68
CA ASP C 127 25.16 14.37 -16.78
C ASP C 127 23.64 14.37 -17.08
N LEU C 128 22.79 14.56 -16.09
CA LEU C 128 21.35 14.68 -16.40
C LEU C 128 21.04 15.93 -17.24
N LEU C 129 21.71 17.02 -16.89
CA LEU C 129 21.56 18.27 -17.60
C LEU C 129 22.23 18.29 -18.99
N GLU C 130 23.35 17.60 -19.17
CA GLU C 130 24.06 17.62 -20.45
C GLU C 130 23.46 16.60 -21.41
N ASP C 131 23.54 15.33 -21.04
CA ASP C 131 23.03 14.23 -21.83
C ASP C 131 21.53 13.99 -21.55
N PRO C 132 20.65 14.19 -22.55
CA PRO C 132 19.23 13.97 -22.29
C PRO C 132 18.69 12.73 -23.01
N GLN C 133 19.53 11.72 -23.26
CA GLN C 133 19.08 10.56 -24.03
C GLN C 133 19.71 9.21 -23.65
N THR C 134 20.99 9.15 -23.33
CA THR C 134 21.53 7.83 -23.00
C THR C 134 20.69 7.21 -21.88
N PRO C 135 20.15 6.01 -22.13
CA PRO C 135 19.41 5.29 -21.11
C PRO C 135 20.25 5.04 -19.87
N ILE C 136 19.61 4.99 -18.70
CA ILE C 136 20.31 4.77 -17.42
C ILE C 136 20.11 3.35 -16.90
N PRO C 137 21.20 2.64 -16.62
CA PRO C 137 20.99 1.27 -16.17
C PRO C 137 20.25 1.21 -14.81
N THR C 138 19.50 0.12 -14.62
CA THR C 138 18.73 -0.12 -13.44
C THR C 138 19.04 -1.52 -12.98
N THR C 139 18.82 -1.78 -11.71
CA THR C 139 18.96 -3.14 -11.17
C THR C 139 17.56 -3.73 -11.04
N ILE C 140 17.42 -5.03 -11.32
CA ILE C 140 16.15 -5.74 -11.12
C ILE C 140 16.25 -6.78 -10.02
N MET C 141 15.28 -6.75 -9.12
CA MET C 141 15.24 -7.69 -8.01
C MET C 141 13.82 -8.13 -7.68
N ALA C 142 13.75 -9.29 -7.03
CA ALA C 142 12.50 -9.85 -6.53
C ALA C 142 12.16 -9.25 -5.17
N LYS C 143 10.91 -8.89 -4.96
CA LYS C 143 10.46 -8.45 -3.67
C LYS C 143 10.10 -9.66 -2.82
N ASN C 144 10.64 -9.70 -1.61
CA ASN C 144 10.32 -10.73 -0.62
C ASN C 144 9.16 -10.36 0.25
N GLU C 145 8.02 -11.02 0.10
CA GLU C 145 6.94 -10.80 1.05
C GLU C 145 6.26 -12.10 1.46
N VAL C 146 5.62 -12.04 2.63
CA VAL C 146 5.02 -13.21 3.26
C VAL C 146 3.52 -13.28 2.99
N PHE C 147 3.06 -14.47 2.62
CA PHE C 147 1.64 -14.80 2.52
C PHE C 147 1.33 -16.19 3.09
N CYS C 148 0.03 -16.47 3.15
CA CYS C 148 -0.50 -17.78 3.47
C CYS C 148 -0.78 -18.46 2.15
N VAL C 149 -0.42 -19.74 1.99
CA VAL C 149 -0.66 -20.41 0.69
C VAL C 149 -2.15 -20.41 0.42
N ASP C 150 -2.56 -20.30 -0.84
CA ASP C 150 -3.98 -20.39 -1.21
C ASP C 150 -4.12 -21.31 -2.43
N PRO C 151 -4.54 -22.58 -2.21
CA PRO C 151 -4.53 -23.51 -3.35
C PRO C 151 -5.65 -23.24 -4.37
N ALA C 152 -6.73 -22.58 -3.94
CA ALA C 152 -7.73 -22.06 -4.87
C ALA C 152 -7.10 -21.14 -5.93
N LYS C 153 -6.31 -20.15 -5.48
CA LYS C 153 -5.70 -19.19 -6.38
C LYS C 153 -4.21 -19.51 -6.68
N GLY C 154 -3.84 -20.80 -6.75
CA GLY C 154 -2.58 -21.22 -7.37
C GLY C 154 -1.50 -21.92 -6.55
N GLY C 155 -1.59 -21.87 -5.22
CA GLY C 155 -0.49 -22.31 -4.36
C GLY C 155 0.24 -21.08 -3.82
N LYS C 156 1.43 -20.80 -4.36
CA LYS C 156 2.21 -19.65 -3.97
C LYS C 156 2.27 -18.55 -5.04
N LYS C 157 2.07 -17.28 -4.65
CA LYS C 157 2.33 -16.18 -5.55
C LYS C 157 3.83 -16.11 -5.92
N PRO C 158 4.13 -15.81 -7.18
CA PRO C 158 5.52 -15.48 -7.52
C PRO C 158 5.83 -14.05 -7.10
N ALA C 159 7.10 -13.78 -6.82
CA ALA C 159 7.56 -12.45 -6.36
C ALA C 159 7.35 -11.36 -7.37
N ARG C 160 6.91 -10.20 -6.92
CA ARG C 160 6.83 -9.07 -7.82
C ARG C 160 8.25 -8.55 -8.15
N LEU C 161 8.34 -7.74 -9.19
CA LEU C 161 9.63 -7.31 -9.70
C LEU C 161 9.85 -5.89 -9.26
N ILE C 162 11.03 -5.63 -8.72
CA ILE C 162 11.43 -4.28 -8.37
C ILE C 162 12.58 -3.86 -9.25
N VAL C 163 12.44 -2.68 -9.85
CA VAL C 163 13.41 -2.16 -10.79
C VAL C 163 13.79 -0.74 -10.36
N TYR C 164 15.08 -0.53 -10.09
CA TYR C 164 15.54 0.78 -9.61
C TYR C 164 16.96 1.18 -10.10
N PRO C 165 17.20 2.50 -10.28
CA PRO C 165 18.50 3.02 -10.61
C PRO C 165 19.37 3.12 -9.38
N ASP C 166 20.66 3.32 -9.55
CA ASP C 166 21.63 3.54 -8.46
C ASP C 166 21.30 4.70 -7.51
N LEU C 167 21.80 4.56 -6.29
CA LEU C 167 21.56 5.55 -5.26
C LEU C 167 21.81 7.03 -5.73
N GLY C 168 22.97 7.31 -6.34
CA GLY C 168 23.21 8.65 -6.90
C GLY C 168 22.04 9.19 -7.71
N VAL C 169 21.52 8.37 -8.61
CA VAL C 169 20.38 8.77 -9.41
C VAL C 169 19.13 8.98 -8.57
N ARG C 170 18.91 8.10 -7.60
CA ARG C 170 17.73 8.29 -6.75
C ARG C 170 17.71 9.68 -6.10
N VAL C 171 18.88 10.15 -5.66
CA VAL C 171 18.95 11.48 -5.07
C VAL C 171 18.55 12.56 -6.08
N CYS C 172 19.09 12.44 -7.29
CA CYS C 172 18.80 13.45 -8.33
C CYS C 172 17.31 13.50 -8.66
N GLU C 173 16.65 12.35 -8.69
CA GLU C 173 15.20 12.32 -8.87
C GLU C 173 14.53 13.20 -7.84
N LYS C 174 14.95 13.06 -6.59
CA LYS C 174 14.33 13.87 -5.55
C LYS C 174 14.54 15.34 -5.79
N MET C 175 15.74 15.72 -6.25
CA MET C 175 16.04 17.14 -6.49
C MET C 175 15.05 17.70 -7.51
N ALA C 176 14.94 17.00 -8.63
CA ALA C 176 14.03 17.34 -9.71
C ALA C 176 12.54 17.34 -9.31
N LEU C 177 12.12 16.26 -8.63
CA LEU C 177 10.68 15.96 -8.51
C LEU C 177 10.05 15.92 -7.14
N TYR C 178 10.83 15.79 -6.08
CA TYR C 178 10.21 15.71 -4.75
C TYR C 178 9.17 16.80 -4.56
N ASP C 179 9.50 18.04 -4.91
CA ASP C 179 8.56 19.08 -4.56
C ASP C 179 7.26 18.84 -5.31
N ILE C 180 7.37 18.40 -6.57
CA ILE C 180 6.19 18.08 -7.36
C ILE C 180 5.35 17.02 -6.67
N THR C 181 5.98 15.93 -6.21
CA THR C 181 5.25 14.87 -5.52
C THR C 181 4.47 15.40 -4.33
N GLN C 182 4.92 16.50 -3.74
CA GLN C 182 4.18 17.10 -2.62
C GLN C 182 2.98 17.93 -3.03
N LYS C 183 2.91 18.37 -4.28
CA LYS C 183 1.87 19.34 -4.64
C LYS C 183 0.95 18.89 -5.77
N LEU C 184 1.51 18.18 -6.74
CA LEU C 184 0.80 17.93 -7.99
C LEU C 184 -0.44 17.06 -7.85
N PRO C 185 -0.32 15.88 -7.19
CA PRO C 185 -1.48 14.99 -7.15
C PRO C 185 -2.67 15.66 -6.49
N GLN C 186 -2.47 16.27 -5.33
CA GLN C 186 -3.57 16.95 -4.65
C GLN C 186 -4.18 18.05 -5.50
N ALA C 187 -3.37 18.72 -6.32
CA ALA C 187 -3.88 19.79 -7.16
C ALA C 187 -4.69 19.21 -8.29
N VAL C 188 -4.19 18.15 -8.89
CA VAL C 188 -4.84 17.58 -10.05
C VAL C 188 -6.13 16.82 -9.72
N MET C 189 -6.18 16.15 -8.57
CA MET C 189 -7.28 15.22 -8.24
C MET C 189 -8.20 15.68 -7.14
N GLY C 190 -7.76 16.63 -6.33
CA GLY C 190 -8.61 17.19 -5.31
C GLY C 190 -8.91 16.16 -4.26
N ALA C 191 -10.15 16.20 -3.78
CA ALA C 191 -10.69 15.23 -2.84
C ALA C 191 -10.51 13.76 -3.27
N SER C 192 -10.41 13.50 -4.57
CA SER C 192 -10.25 12.12 -5.05
C SER C 192 -8.92 11.48 -4.68
N TYR C 193 -7.95 12.29 -4.30
CA TYR C 193 -6.59 11.79 -4.06
C TYR C 193 -6.55 11.08 -2.73
N GLY C 194 -6.38 9.77 -2.77
CA GLY C 194 -6.63 8.93 -1.61
C GLY C 194 -5.62 9.05 -0.49
N PHE C 195 -4.34 9.11 -0.85
CA PHE C 195 -3.27 9.18 0.13
C PHE C 195 -3.35 10.36 1.11
N GLN C 196 -3.96 11.47 0.71
CA GLN C 196 -4.19 12.61 1.62
C GLN C 196 -4.98 12.26 2.88
N TYR C 197 -5.81 11.21 2.81
CA TYR C 197 -6.72 10.86 3.89
C TYR C 197 -6.10 9.86 4.84
N SER C 198 -6.54 9.95 6.08
CA SER C 198 -6.35 8.93 7.11
C SER C 198 -7.44 7.90 6.96
N PRO C 199 -7.32 6.75 7.63
CA PRO C 199 -8.38 5.72 7.52
C PRO C 199 -9.74 6.23 7.95
N ALA C 200 -9.76 6.99 9.04
CA ALA C 200 -10.99 7.53 9.56
C ALA C 200 -11.60 8.40 8.49
N GLN C 201 -10.77 9.26 7.90
CA GLN C 201 -11.23 10.14 6.85
C GLN C 201 -11.71 9.36 5.63
N ARG C 202 -10.99 8.29 5.25
CA ARG C 202 -11.39 7.42 4.13
CA ARG C 202 -11.39 7.41 4.13
C ARG C 202 -12.82 6.95 4.33
N VAL C 203 -13.07 6.38 5.49
CA VAL C 203 -14.38 5.86 5.84
C VAL C 203 -15.47 6.93 5.78
N GLU C 204 -15.17 8.11 6.28
CA GLU C 204 -16.14 9.18 6.33
C GLU C 204 -16.39 9.69 4.92
N TYR C 205 -15.34 9.70 4.12
CA TYR C 205 -15.46 10.21 2.77
C TYR C 205 -16.36 9.30 1.99
N LEU C 206 -16.24 8.00 2.23
CA LEU C 206 -17.06 7.02 1.56
C LEU C 206 -18.50 7.09 2.00
N LEU C 207 -18.74 7.17 3.29
CA LEU C 207 -20.10 7.33 3.77
C LEU C 207 -20.76 8.63 3.30
N LYS C 208 -19.99 9.74 3.23
CA LYS C 208 -20.58 11.01 2.78
C LYS C 208 -20.94 10.84 1.28
N ALA C 209 -20.02 10.27 0.52
CA ALA C 209 -20.26 10.00 -0.91
C ALA C 209 -21.49 9.13 -1.11
N TRP C 210 -21.61 8.11 -0.28
CA TRP C 210 -22.74 7.20 -0.37
C TRP C 210 -24.02 7.95 0.02
N ALA C 211 -23.98 8.65 1.13
CA ALA C 211 -25.18 9.31 1.65
C ALA C 211 -25.76 10.35 0.70
N GLU C 212 -24.90 11.01 -0.07
CA GLU C 212 -25.37 12.10 -0.91
C GLU C 212 -26.02 11.63 -2.24
N LYS C 213 -25.88 10.36 -2.64
CA LYS C 213 -26.60 9.91 -3.82
C LYS C 213 -28.05 9.67 -3.45
N LYS C 214 -28.98 10.00 -4.36
CA LYS C 214 -30.38 9.63 -4.16
C LYS C 214 -30.47 8.09 -4.10
N ASP C 215 -29.70 7.41 -4.94
CA ASP C 215 -29.79 5.97 -5.07
C ASP C 215 -28.43 5.38 -5.49
N PRO C 216 -27.52 5.17 -4.53
CA PRO C 216 -26.10 4.95 -4.80
C PRO C 216 -25.74 3.61 -5.37
N MET C 217 -24.66 3.58 -6.15
CA MET C 217 -24.07 2.35 -6.65
C MET C 217 -22.59 2.51 -6.48
N GLY C 218 -21.90 1.44 -6.07
CA GLY C 218 -20.44 1.51 -5.90
C GLY C 218 -19.72 0.40 -6.64
N PHE C 219 -18.49 0.65 -7.04
CA PHE C 219 -17.63 -0.46 -7.41
C PHE C 219 -16.18 -0.10 -7.15
N SER C 220 -15.32 -1.10 -7.27
CA SER C 220 -13.89 -0.91 -7.19
C SER C 220 -13.23 -1.51 -8.43
N TYR C 221 -12.04 -1.02 -8.74
CA TYR C 221 -11.31 -1.47 -9.93
C TYR C 221 -9.86 -1.56 -9.55
N ASP C 222 -9.18 -2.53 -10.13
CA ASP C 222 -7.75 -2.71 -9.94
C ASP C 222 -7.19 -3.31 -11.24
N THR C 223 -6.04 -2.80 -11.67
CA THR C 223 -5.45 -3.19 -12.93
C THR C 223 -4.50 -4.38 -12.69
N ARG C 224 -4.57 -5.34 -13.59
CA ARG C 224 -3.73 -6.51 -13.57
C ARG C 224 -2.31 -6.09 -13.92
N HIS C 225 -1.39 -6.19 -12.97
CA HIS C 225 0.01 -5.89 -13.21
C HIS C 225 0.19 -4.44 -13.68
N PHE C 226 -0.27 -3.47 -12.88
CA PHE C 226 -0.41 -2.11 -13.40
C PHE C 226 0.90 -1.56 -13.96
N ASP C 227 2.02 -1.77 -13.27
CA ASP C 227 3.25 -1.18 -13.76
C ASP C 227 3.59 -1.66 -15.18
N SER C 228 3.30 -2.91 -15.50
CA SER C 228 3.61 -3.41 -16.82
C SER C 228 2.62 -2.94 -17.87
N THR C 229 1.48 -2.42 -17.47
CA THR C 229 0.52 -1.90 -18.43
C THR C 229 0.78 -0.48 -18.82
N VAL C 230 1.66 0.19 -18.08
CA VAL C 230 1.99 1.59 -18.37
C VAL C 230 2.83 1.70 -19.67
N THR C 231 2.33 2.46 -20.64
CA THR C 231 3.05 2.62 -21.89
C THR C 231 4.00 3.82 -21.90
N GLU C 232 5.08 3.69 -22.68
CA GLU C 232 5.96 4.83 -23.03
C GLU C 232 5.20 6.13 -23.18
N ARG C 233 4.11 6.08 -23.90
CA ARG C 233 3.33 7.27 -24.10
C ARG C 233 2.66 7.79 -22.81
N ASP C 234 2.25 6.88 -21.95
CA ASP C 234 1.69 7.29 -20.66
C ASP C 234 2.72 8.02 -19.82
N ILE C 235 3.95 7.51 -19.91
CA ILE C 235 5.06 8.06 -19.15
C ILE C 235 5.45 9.45 -19.64
N ARG C 236 5.39 9.65 -20.96
CA ARG C 236 5.67 10.96 -21.54
C ARG C 236 4.52 11.88 -21.27
N THR C 237 3.32 11.34 -21.27
CA THR C 237 2.17 12.16 -20.89
C THR C 237 2.30 12.54 -19.41
N GLU C 238 2.87 11.64 -18.62
CA GLU C 238 3.16 11.98 -17.24
C GLU C 238 4.12 13.18 -17.23
N GLU C 239 5.25 13.05 -17.95
CA GLU C 239 6.16 14.18 -18.03
C GLU C 239 5.43 15.46 -18.34
N SER C 240 4.69 15.44 -19.44
CA SER C 240 4.00 16.66 -19.86
C SER C 240 3.03 17.17 -18.80
N ILE C 241 2.53 16.32 -17.92
CA ILE C 241 1.74 16.85 -16.81
C ILE C 241 2.66 17.55 -15.81
N TYR C 242 3.85 16.99 -15.59
CA TYR C 242 4.81 17.59 -14.66
C TYR C 242 5.22 18.96 -15.20
N GLN C 243 5.67 18.96 -16.46
CA GLN C 243 6.00 20.23 -17.19
C GLN C 243 4.91 21.32 -17.14
N ALA C 244 3.65 20.97 -17.10
CA ALA C 244 2.64 22.01 -17.05
C ALA C 244 2.61 22.86 -15.78
N CYS C 245 3.46 22.59 -14.80
CA CYS C 245 3.56 23.48 -13.61
C CYS C 245 4.63 24.53 -13.89
N SER C 246 4.64 25.58 -13.06
CA SER C 246 5.76 26.56 -13.03
C SER C 246 7.01 25.89 -12.46
N LEU C 247 8.00 25.70 -13.32
CA LEU C 247 9.29 25.11 -12.95
C LEU C 247 10.49 25.96 -13.37
N PRO C 248 11.50 26.02 -12.50
CA PRO C 248 12.83 26.43 -12.94
C PRO C 248 13.27 25.68 -14.16
N GLU C 249 13.93 26.37 -15.07
CA GLU C 249 14.34 25.76 -16.33
C GLU C 249 15.23 24.53 -16.10
N GLU C 250 15.95 24.53 -14.99
CA GLU C 250 16.90 23.47 -14.70
C GLU C 250 16.18 22.16 -14.34
N ALA C 251 15.01 22.32 -13.71
CA ALA C 251 14.12 21.20 -13.39
C ALA C 251 13.61 20.56 -14.68
N ARG C 252 13.04 21.39 -15.53
CA ARG C 252 12.51 20.93 -16.81
C ARG C 252 13.46 20.05 -17.57
N THR C 253 14.72 20.43 -17.61
CA THR C 253 15.71 19.63 -18.34
C THR C 253 15.96 18.32 -17.61
N ALA C 254 15.98 18.41 -16.26
CA ALA C 254 16.18 17.24 -15.41
C ALA C 254 14.97 16.29 -15.53
N ILE C 255 13.75 16.84 -15.39
CA ILE C 255 12.57 16.04 -15.62
C ILE C 255 12.66 15.34 -16.97
N HIS C 256 12.77 16.13 -18.05
CA HIS C 256 12.75 15.60 -19.42
C HIS C 256 13.80 14.53 -19.60
N SER C 257 14.93 14.71 -18.96
CA SER C 257 16.04 13.78 -19.15
C SER C 257 15.80 12.47 -18.39
N LEU C 258 15.25 12.58 -17.17
CA LEU C 258 14.92 11.41 -16.36
C LEU C 258 13.85 10.61 -17.09
N THR C 259 12.84 11.34 -17.56
CA THR C 259 11.80 10.73 -18.37
C THR C 259 12.39 9.90 -19.49
N GLU C 260 13.14 10.54 -20.39
CA GLU C 260 13.64 9.80 -21.57
C GLU C 260 14.71 8.79 -21.21
N ARG C 261 15.41 8.98 -20.09
CA ARG C 261 16.58 8.11 -19.81
C ARG C 261 16.29 6.96 -18.87
N LEU C 262 15.28 7.14 -18.02
CA LEU C 262 14.98 6.23 -16.92
C LEU C 262 13.54 5.78 -16.93
N TYR C 263 12.64 6.75 -16.84
CA TYR C 263 11.26 6.46 -16.70
C TYR C 263 10.63 5.63 -17.87
N VAL C 264 10.84 6.04 -19.14
CA VAL C 264 10.22 5.29 -20.26
C VAL C 264 10.84 3.94 -20.54
N GLY C 265 12.01 3.65 -19.99
CA GLY C 265 12.61 2.35 -20.23
C GLY C 265 14.10 2.32 -20.03
N GLY C 266 14.70 1.16 -20.28
CA GLY C 266 16.13 1.01 -20.15
C GLY C 266 16.53 -0.42 -19.88
N PRO C 267 17.84 -0.68 -19.88
CA PRO C 267 18.26 -2.04 -19.60
C PRO C 267 18.23 -2.32 -18.10
N MET C 268 18.21 -3.61 -17.77
CA MET C 268 18.03 -4.06 -16.41
C MET C 268 19.12 -5.08 -16.16
N PHE C 269 19.71 -5.03 -14.98
CA PHE C 269 20.78 -5.92 -14.63
C PHE C 269 20.39 -6.65 -13.37
N ASN C 270 20.81 -7.90 -13.24
CA ASN C 270 20.54 -8.63 -12.02
C ASN C 270 21.61 -8.29 -11.01
N SER C 271 21.51 -8.83 -9.81
CA SER C 271 22.38 -8.43 -8.72
C SER C 271 23.80 -8.87 -8.94
N LYS C 272 23.99 -9.92 -9.75
CA LYS C 272 25.32 -10.41 -10.06
C LYS C 272 25.98 -9.58 -11.21
N GLY C 273 25.26 -8.63 -11.80
CA GLY C 273 25.85 -7.80 -12.88
C GLY C 273 25.51 -8.12 -14.34
N GLN C 274 24.92 -9.29 -14.60
CA GLN C 274 24.49 -9.65 -15.95
C GLN C 274 23.38 -8.77 -16.52
N THR C 275 23.34 -8.62 -17.84
CA THR C 275 22.21 -7.93 -18.46
C THR C 275 21.00 -8.85 -18.38
N CYS C 276 19.92 -8.36 -17.78
CA CYS C 276 18.76 -9.21 -17.54
C CYS C 276 17.75 -9.06 -18.65
N GLY C 277 17.55 -7.83 -19.12
CA GLY C 277 16.51 -7.61 -20.09
C GLY C 277 16.35 -6.15 -20.35
N TYR C 278 15.27 -5.77 -21.03
CA TYR C 278 15.02 -4.36 -21.34
C TYR C 278 13.56 -4.10 -21.05
N ARG C 279 13.27 -2.91 -20.52
CA ARG C 279 11.99 -2.56 -19.96
C ARG C 279 11.43 -1.39 -20.70
N ARG C 280 10.12 -1.39 -20.97
CA ARG C 280 9.48 -0.24 -21.64
C ARG C 280 8.14 0.11 -20.99
N CYS C 281 8.06 -0.14 -19.68
CA CYS C 281 6.92 0.21 -18.85
C CYS C 281 7.48 0.82 -17.56
N ARG C 282 6.60 1.11 -16.61
CA ARG C 282 6.97 1.64 -15.30
C ARG C 282 8.01 0.82 -14.61
N ALA C 283 9.04 1.49 -14.10
CA ALA C 283 9.97 0.84 -13.18
C ALA C 283 9.48 1.16 -11.79
N SER C 284 9.05 0.14 -11.07
CA SER C 284 8.50 0.38 -9.76
C SER C 284 9.66 0.30 -8.83
N GLY C 285 9.96 1.44 -8.21
CA GLY C 285 11.32 1.68 -7.67
C GLY C 285 11.84 3.10 -7.92
N VAL C 286 11.20 3.85 -8.82
CA VAL C 286 11.59 5.22 -9.08
C VAL C 286 10.71 6.15 -8.27
N LEU C 287 11.19 7.38 -8.10
CA LEU C 287 10.50 8.32 -7.25
C LEU C 287 9.09 8.55 -7.72
N THR C 288 8.87 8.43 -9.01
CA THR C 288 7.57 8.82 -9.60
C THR C 288 6.58 7.67 -9.65
N THR C 289 6.97 6.49 -9.16
CA THR C 289 6.13 5.32 -9.17
C THR C 289 4.70 5.61 -8.63
N SER C 290 4.62 6.11 -7.41
CA SER C 290 3.34 6.27 -6.74
C SER C 290 2.52 7.39 -7.35
N MET C 291 3.12 8.56 -7.49
CA MET C 291 2.45 9.72 -8.05
C MET C 291 2.03 9.38 -9.49
N GLY C 292 2.96 8.79 -10.24
CA GLY C 292 2.69 8.43 -11.61
C GLY C 292 1.49 7.51 -11.72
N ASN C 293 1.58 6.35 -11.08
CA ASN C 293 0.50 5.39 -11.05
C ASN C 293 -0.81 6.04 -10.70
N THR C 294 -0.81 6.85 -9.66
CA THR C 294 -2.06 7.45 -9.23
C THR C 294 -2.64 8.40 -10.28
N ILE C 295 -1.78 9.19 -10.92
CA ILE C 295 -2.26 10.22 -11.82
C ILE C 295 -2.76 9.55 -13.07
N THR C 296 -1.95 8.63 -13.59
CA THR C 296 -2.28 7.89 -14.76
C THR C 296 -3.52 7.03 -14.56
N CYS C 297 -3.58 6.29 -13.49
CA CYS C 297 -4.81 5.59 -13.19
C CYS C 297 -6.00 6.53 -13.22
N TYR C 298 -5.85 7.70 -12.64
CA TYR C 298 -6.97 8.62 -12.51
C TYR C 298 -7.44 9.15 -13.88
N VAL C 299 -6.51 9.40 -14.80
CA VAL C 299 -6.87 9.92 -16.12
C VAL C 299 -7.71 8.88 -16.84
N LYS C 300 -7.15 7.69 -16.98
CA LYS C 300 -7.84 6.58 -17.58
C LYS C 300 -9.22 6.32 -16.93
N ALA C 301 -9.26 6.32 -15.60
CA ALA C 301 -10.50 6.04 -14.91
C ALA C 301 -11.56 7.10 -15.10
N LEU C 302 -11.16 8.37 -15.10
CA LEU C 302 -12.18 9.42 -15.24
C LEU C 302 -12.67 9.44 -16.68
N ALA C 303 -11.80 9.11 -17.61
CA ALA C 303 -12.21 9.03 -18.99
C ALA C 303 -13.20 7.88 -19.15
N ALA C 304 -12.85 6.72 -18.58
CA ALA C 304 -13.68 5.52 -18.70
C ALA C 304 -15.03 5.74 -18.04
N CYS C 305 -15.05 6.43 -16.91
CA CYS C 305 -16.35 6.79 -16.35
C CYS C 305 -17.16 7.56 -17.39
N LYS C 306 -16.51 8.50 -18.05
CA LYS C 306 -17.17 9.32 -19.06
C LYS C 306 -17.53 8.48 -20.28
N ALA C 307 -16.64 7.64 -20.78
CA ALA C 307 -16.98 6.70 -21.84
C ALA C 307 -18.19 5.78 -21.54
N ALA C 308 -18.51 5.58 -20.27
CA ALA C 308 -19.48 4.57 -19.89
C ALA C 308 -20.75 5.14 -19.29
N GLY C 309 -20.82 6.44 -19.08
CA GLY C 309 -22.07 7.02 -18.60
C GLY C 309 -22.26 7.01 -17.09
N ILE C 310 -21.18 6.84 -16.32
CA ILE C 310 -21.32 6.80 -14.88
C ILE C 310 -21.80 8.15 -14.41
N VAL C 311 -22.90 8.20 -13.67
CA VAL C 311 -23.52 9.46 -13.31
C VAL C 311 -23.09 9.92 -11.94
N ALA C 312 -22.71 11.19 -11.86
CA ALA C 312 -22.26 11.81 -10.64
C ALA C 312 -21.22 11.02 -9.87
N PRO C 313 -20.15 10.60 -10.53
CA PRO C 313 -19.14 9.73 -9.90
C PRO C 313 -18.36 10.48 -8.88
N THR C 314 -18.26 9.95 -7.66
CA THR C 314 -17.30 10.39 -6.67
C THR C 314 -16.20 9.35 -6.59
N MET C 315 -14.95 9.77 -6.78
CA MET C 315 -13.84 8.83 -6.89
C MET C 315 -12.92 8.88 -5.71
N LEU C 316 -12.16 7.80 -5.60
CA LEU C 316 -11.10 7.72 -4.63
C LEU C 316 -10.10 6.85 -5.28
N VAL C 317 -8.87 7.36 -5.43
CA VAL C 317 -7.79 6.66 -6.13
C VAL C 317 -6.51 6.62 -5.33
N CYS C 318 -5.90 5.45 -5.25
CA CYS C 318 -4.63 5.26 -4.59
C CYS C 318 -3.82 4.33 -5.49
N GLY C 319 -2.88 4.86 -6.24
CA GLY C 319 -2.06 4.03 -7.13
C GLY C 319 -3.01 3.49 -8.18
N ASP C 320 -3.02 2.16 -8.38
CA ASP C 320 -3.94 1.55 -9.37
C ASP C 320 -5.25 1.08 -8.76
N ASP C 321 -5.59 1.57 -7.58
CA ASP C 321 -6.75 1.07 -6.83
C ASP C 321 -7.77 2.18 -6.75
N LEU C 322 -9.02 1.83 -7.01
CA LEU C 322 -9.98 2.84 -7.31
C LEU C 322 -11.35 2.45 -6.76
N ILE C 323 -12.08 3.42 -6.19
CA ILE C 323 -13.47 3.19 -5.85
C ILE C 323 -14.27 4.28 -6.51
N VAL C 324 -15.38 3.92 -7.12
CA VAL C 324 -16.30 4.91 -7.64
C VAL C 324 -17.67 4.70 -7.03
N ILE C 325 -18.23 5.76 -6.47
CA ILE C 325 -19.59 5.75 -5.95
C ILE C 325 -20.43 6.73 -6.76
N SER C 326 -21.44 6.22 -7.46
CA SER C 326 -22.22 6.96 -8.44
C SER C 326 -23.71 6.83 -8.19
N GLU C 327 -24.50 7.52 -8.99
CA GLU C 327 -25.96 7.39 -9.00
C GLU C 327 -26.33 6.20 -9.86
N SER C 328 -27.01 5.22 -9.29
CA SER C 328 -27.45 4.04 -10.03
C SER C 328 -28.38 4.43 -11.15
N GLN C 329 -28.29 3.71 -12.26
CA GLN C 329 -29.22 3.90 -13.40
C GLN C 329 -30.08 2.63 -13.57
N GLY C 330 -30.38 1.99 -12.44
CA GLY C 330 -30.94 0.65 -12.42
C GLY C 330 -29.87 -0.38 -12.67
N THR C 331 -30.13 -1.59 -12.23
CA THR C 331 -29.12 -2.61 -12.27
C THR C 331 -28.82 -3.05 -13.68
N GLU C 332 -29.83 -3.14 -14.54
CA GLU C 332 -29.61 -3.55 -15.94
C GLU C 332 -28.63 -2.55 -16.57
N GLU C 333 -28.87 -1.24 -16.39
CA GLU C 333 -27.96 -0.25 -16.93
C GLU C 333 -26.60 -0.26 -16.19
N ASP C 334 -26.61 -0.32 -14.85
CA ASP C 334 -25.37 -0.41 -14.08
C ASP C 334 -24.44 -1.55 -14.59
N GLU C 335 -25.02 -2.70 -14.95
CA GLU C 335 -24.16 -3.81 -15.38
C GLU C 335 -23.50 -3.40 -16.69
N ARG C 336 -24.29 -2.76 -17.55
CA ARG C 336 -23.88 -2.50 -18.91
C ARG C 336 -22.80 -1.41 -18.89
N ASN C 337 -23.05 -0.34 -18.15
CA ASN C 337 -22.06 0.70 -17.97
C ASN C 337 -20.71 0.21 -17.42
N LEU C 338 -20.75 -0.70 -16.47
CA LEU C 338 -19.51 -1.25 -15.94
C LEU C 338 -18.74 -2.07 -16.93
N ARG C 339 -19.45 -2.77 -17.81
CA ARG C 339 -18.78 -3.52 -18.87
C ARG C 339 -18.09 -2.51 -19.81
N ALA C 340 -18.82 -1.45 -20.15
CA ALA C 340 -18.27 -0.32 -20.90
C ALA C 340 -17.04 0.32 -20.21
N PHE C 341 -17.15 0.62 -18.91
CA PHE C 341 -16.00 1.11 -18.13
C PHE C 341 -14.78 0.24 -18.40
N THR C 342 -14.96 -1.08 -18.30
CA THR C 342 -13.84 -2.01 -18.42
C THR C 342 -13.28 -2.10 -19.83
N GLU C 343 -14.17 -2.10 -20.81
CA GLU C 343 -13.76 -2.03 -22.21
C GLU C 343 -12.87 -0.80 -22.42
N ALA C 344 -13.33 0.36 -21.96
CA ALA C 344 -12.56 1.58 -22.08
C ALA C 344 -11.19 1.45 -21.41
N MET C 345 -11.16 1.06 -20.13
CA MET C 345 -9.87 0.93 -19.43
C MET C 345 -9.00 -0.04 -20.16
N THR C 346 -9.60 -1.10 -20.68
CA THR C 346 -8.85 -2.10 -21.41
C THR C 346 -8.23 -1.50 -22.71
N ARG C 347 -8.98 -0.61 -23.36
CA ARG C 347 -8.49 0.05 -24.54
C ARG C 347 -7.35 0.97 -24.15
N TYR C 348 -7.54 1.71 -23.05
CA TYR C 348 -6.50 2.58 -22.49
C TYR C 348 -5.28 1.85 -21.91
N SER C 349 -5.29 0.53 -21.91
CA SER C 349 -4.17 -0.27 -21.39
C SER C 349 -4.11 -0.31 -19.85
N ALA C 350 -5.27 -0.47 -19.24
CA ALA C 350 -5.39 -0.71 -17.80
C ALA C 350 -6.45 -1.78 -17.60
N PRO C 351 -6.15 -3.00 -18.05
CA PRO C 351 -7.14 -4.10 -17.96
C PRO C 351 -7.28 -4.65 -16.55
N PRO C 352 -8.48 -5.10 -16.17
CA PRO C 352 -8.82 -5.53 -14.81
C PRO C 352 -8.16 -6.84 -14.46
N GLY C 353 -7.80 -7.00 -13.19
CA GLY C 353 -7.47 -8.32 -12.63
C GLY C 353 -8.75 -9.13 -12.73
N ASP C 354 -9.74 -8.80 -11.91
CA ASP C 354 -11.04 -9.45 -11.98
C ASP C 354 -12.06 -8.43 -12.42
N PRO C 355 -12.96 -8.83 -13.30
CA PRO C 355 -13.76 -7.75 -13.83
C PRO C 355 -14.61 -7.18 -12.71
N PRO C 356 -14.85 -5.88 -12.73
CA PRO C 356 -15.62 -5.25 -11.68
C PRO C 356 -17.12 -5.52 -11.77
N ARG C 357 -17.83 -5.07 -10.75
CA ARG C 357 -19.23 -5.41 -10.54
C ARG C 357 -19.92 -4.33 -9.71
N PRO C 358 -21.11 -3.91 -10.13
CA PRO C 358 -21.85 -2.94 -9.32
C PRO C 358 -22.24 -3.55 -8.00
N GLU C 359 -22.23 -2.74 -6.95
CA GLU C 359 -22.69 -3.14 -5.65
C GLU C 359 -23.52 -2.03 -5.06
N TYR C 360 -24.40 -2.39 -4.14
CA TYR C 360 -25.35 -1.45 -3.56
C TYR C 360 -25.37 -1.56 -2.04
N ASP C 361 -24.23 -2.00 -1.51
CA ASP C 361 -24.04 -2.17 -0.09
C ASP C 361 -22.59 -1.90 0.12
N LEU C 362 -22.28 -1.01 1.05
CA LEU C 362 -20.92 -0.53 1.17
C LEU C 362 -19.96 -1.60 1.62
N GLU C 363 -20.45 -2.64 2.32
CA GLU C 363 -19.56 -3.65 2.88
C GLU C 363 -18.87 -4.49 1.79
N LEU C 364 -19.51 -4.63 0.63
CA LEU C 364 -19.04 -5.52 -0.43
C LEU C 364 -18.03 -4.89 -1.38
N ILE C 365 -17.62 -3.66 -1.12
CA ILE C 365 -16.63 -3.00 -1.94
C ILE C 365 -15.29 -3.07 -1.25
N THR C 366 -14.37 -3.81 -1.87
CA THR C 366 -13.00 -3.97 -1.39
C THR C 366 -11.98 -3.23 -2.27
N SER C 367 -11.11 -2.42 -1.65
CA SER C 367 -10.02 -1.71 -2.32
C SER C 367 -8.82 -1.54 -1.38
N CYS C 368 -7.63 -1.74 -1.92
CA CYS C 368 -6.36 -1.81 -1.14
C CYS C 368 -6.46 -2.89 -0.07
N SER C 369 -7.01 -4.04 -0.45
CA SER C 369 -7.15 -5.19 0.44
C SER C 369 -7.88 -4.84 1.74
N SER C 370 -8.81 -3.90 1.68
CA SER C 370 -9.58 -3.51 2.85
C SER C 370 -11.00 -3.07 2.48
N ASN C 371 -11.89 -3.04 3.47
CA ASN C 371 -13.24 -2.58 3.27
C ASN C 371 -13.82 -1.96 4.52
N VAL C 372 -14.95 -1.31 4.34
CA VAL C 372 -15.70 -0.74 5.45
C VAL C 372 -16.68 -1.78 5.96
N SER C 373 -16.87 -1.80 7.27
CA SER C 373 -17.84 -2.66 7.90
C SER C 373 -18.46 -1.88 9.03
N VAL C 374 -19.34 -2.55 9.77
CA VAL C 374 -20.12 -1.88 10.76
C VAL C 374 -20.35 -2.76 11.95
N ALA C 375 -20.26 -2.14 13.12
CA ALA C 375 -20.68 -2.75 14.37
C ALA C 375 -21.49 -1.73 15.19
N LEU C 376 -21.90 -2.13 16.39
CA LEU C 376 -22.61 -1.27 17.30
C LEU C 376 -21.67 -0.79 18.39
N GLY C 377 -21.85 0.48 18.76
CA GLY C 377 -21.06 1.12 19.79
C GLY C 377 -21.66 0.92 21.18
N PRO C 378 -21.08 1.61 22.19
CA PRO C 378 -21.49 1.37 23.57
C PRO C 378 -22.95 1.74 23.82
N ARG C 379 -23.44 2.80 23.18
CA ARG C 379 -24.83 3.23 23.35
C ARG C 379 -25.82 2.66 22.27
N GLY C 380 -25.35 1.74 21.42
CA GLY C 380 -26.23 1.09 20.41
C GLY C 380 -26.25 1.79 19.05
N ARG C 381 -25.42 2.83 18.89
CA ARG C 381 -25.34 3.54 17.62
C ARG C 381 -24.44 2.70 16.64
N ARG C 382 -24.73 2.79 15.33
CA ARG C 382 -23.91 2.14 14.32
C ARG C 382 -22.53 2.79 14.23
N ARG C 383 -21.50 1.96 14.10
CA ARG C 383 -20.14 2.44 14.05
C ARG C 383 -19.43 1.81 12.88
N TYR C 384 -19.01 2.65 11.96
CA TYR C 384 -18.43 2.22 10.72
C TYR C 384 -16.93 2.29 10.92
N TYR C 385 -16.20 1.30 10.39
CA TYR C 385 -14.76 1.22 10.62
C TYR C 385 -14.17 0.44 9.48
N LEU C 386 -12.86 0.35 9.46
CA LEU C 386 -12.17 -0.26 8.35
C LEU C 386 -11.56 -1.57 8.80
N THR C 387 -11.56 -2.55 7.91
CA THR C 387 -11.08 -3.86 8.24
C THR C 387 -10.59 -4.61 7.00
N ARG C 388 -10.26 -5.88 7.16
CA ARG C 388 -9.73 -6.67 6.06
C ARG C 388 -9.72 -8.13 6.42
N ASP C 389 -9.54 -8.95 5.41
CA ASP C 389 -9.28 -10.36 5.63
C ASP C 389 -7.99 -10.43 6.47
N PRO C 390 -8.03 -11.15 7.60
CA PRO C 390 -6.86 -11.26 8.47
C PRO C 390 -5.83 -12.26 8.04
N THR C 391 -6.07 -12.94 6.93
CA THR C 391 -5.23 -14.03 6.49
C THR C 391 -3.77 -13.62 6.42
N THR C 392 -3.48 -12.61 5.61
CA THR C 392 -2.11 -12.18 5.45
C THR C 392 -1.51 -11.66 6.74
N PRO C 393 -2.24 -10.82 7.48
CA PRO C 393 -1.59 -10.34 8.69
C PRO C 393 -1.28 -11.46 9.68
N LEU C 394 -2.14 -12.46 9.76
CA LEU C 394 -1.87 -13.62 10.62
C LEU C 394 -0.65 -14.39 10.11
N ALA C 395 -0.59 -14.64 8.80
CA ALA C 395 0.60 -15.28 8.27
C ALA C 395 1.87 -14.50 8.60
N ARG C 396 1.83 -13.18 8.42
CA ARG C 396 3.00 -12.33 8.75
C ARG C 396 3.30 -12.36 10.24
N ALA C 397 2.26 -12.52 11.05
CA ALA C 397 2.43 -12.65 12.49
C ALA C 397 3.20 -13.89 12.87
N ALA C 398 3.23 -14.89 11.97
CA ALA C 398 3.95 -16.14 12.20
C ALA C 398 5.21 -16.25 11.39
N TRP C 399 5.68 -15.13 10.85
CA TRP C 399 6.96 -15.16 10.14
C TRP C 399 8.09 -14.93 11.14
N GLU C 400 8.80 -16.00 11.55
CA GLU C 400 9.99 -15.92 12.44
C GLU C 400 11.17 -16.56 11.79
N THR C 401 12.23 -15.78 11.61
CA THR C 401 13.49 -16.32 11.16
C THR C 401 14.61 -15.88 12.06
N VAL C 402 15.80 -16.38 11.77
CA VAL C 402 16.98 -15.99 12.51
C VAL C 402 17.09 -14.45 12.50
N ARG C 403 16.82 -13.84 11.35
CA ARG C 403 16.99 -12.40 11.16
C ARG C 403 15.70 -11.55 11.35
N HIS C 404 14.54 -12.14 11.67
CA HIS C 404 13.27 -11.38 11.73
C HIS C 404 12.34 -11.80 12.88
N SER C 405 11.92 -10.84 13.68
CA SER C 405 10.88 -11.01 14.66
C SER C 405 9.60 -10.42 14.11
N PRO C 406 8.45 -11.09 14.34
CA PRO C 406 7.17 -10.57 13.87
C PRO C 406 6.42 -9.67 14.88
N ILE C 407 7.05 -9.34 16.00
CA ILE C 407 6.35 -8.67 17.09
C ILE C 407 5.94 -7.27 16.66
N ASN C 408 6.76 -6.65 15.83
CA ASN C 408 6.43 -5.32 15.38
C ASN C 408 5.19 -5.32 14.50
N SER C 409 5.10 -6.31 13.60
CA SER C 409 3.89 -6.54 12.80
C SER C 409 2.65 -6.72 13.69
N TRP C 410 2.75 -7.51 14.75
CA TRP C 410 1.60 -7.67 15.66
C TRP C 410 1.11 -6.29 16.10
N LEU C 411 2.06 -5.47 16.54
CA LEU C 411 1.76 -4.14 17.02
C LEU C 411 1.24 -3.23 15.93
N GLY C 412 1.86 -3.25 14.78
CA GLY C 412 1.40 -2.43 13.69
C GLY C 412 -0.08 -2.62 13.43
N ASN C 413 -0.48 -3.89 13.30
CA ASN C 413 -1.84 -4.20 12.94
C ASN C 413 -2.77 -3.90 14.11
N ILE C 414 -2.30 -4.11 15.33
CA ILE C 414 -3.12 -3.81 16.48
C ILE C 414 -3.56 -2.35 16.46
N ILE C 415 -2.67 -1.48 16.01
CA ILE C 415 -2.92 -0.04 15.99
C ILE C 415 -3.78 0.34 14.80
N GLN C 416 -3.36 -0.09 13.64
CA GLN C 416 -4.12 0.20 12.44
C GLN C 416 -5.55 -0.38 12.45
N TYR C 417 -5.75 -1.54 13.06
CA TYR C 417 -7.04 -2.22 13.00
C TYR C 417 -7.63 -2.54 14.37
N ALA C 418 -7.30 -1.69 15.33
CA ALA C 418 -7.78 -1.81 16.70
C ALA C 418 -9.29 -2.02 16.89
N PRO C 419 -10.13 -1.47 16.00
CA PRO C 419 -11.58 -1.73 16.21
C PRO C 419 -12.03 -3.11 15.74
N THR C 420 -11.21 -3.83 14.98
CA THR C 420 -11.66 -5.06 14.37
C THR C 420 -11.73 -6.16 15.41
N ILE C 421 -12.63 -7.10 15.19
CA ILE C 421 -12.78 -8.21 16.09
C ILE C 421 -11.57 -9.12 16.08
N TRP C 422 -10.94 -9.28 14.93
CA TRP C 422 -9.71 -10.08 14.85
C TRP C 422 -8.50 -9.48 15.56
N VAL C 423 -8.43 -8.17 15.70
CA VAL C 423 -7.31 -7.58 16.43
C VAL C 423 -7.63 -7.63 17.90
N ARG C 424 -8.89 -7.36 18.24
CA ARG C 424 -9.22 -7.17 19.63
C ARG C 424 -9.15 -8.50 20.35
N MET C 425 -9.66 -9.54 19.70
CA MET C 425 -9.73 -10.88 20.29
C MET C 425 -8.46 -11.71 20.09
N VAL C 426 -7.92 -11.68 18.90
CA VAL C 426 -6.76 -12.48 18.61
C VAL C 426 -5.42 -11.76 18.84
N LEU C 427 -5.11 -10.74 18.07
CA LEU C 427 -3.77 -10.20 18.15
C LEU C 427 -3.47 -9.53 19.49
N MET C 428 -4.36 -8.68 19.97
CA MET C 428 -4.13 -8.04 21.26
C MET C 428 -3.85 -9.11 22.29
N THR C 429 -4.72 -10.12 22.37
CA THR C 429 -4.56 -11.19 23.35
C THR C 429 -3.18 -11.87 23.26
N HIS C 430 -2.77 -12.20 22.06
CA HIS C 430 -1.49 -12.87 21.85
C HIS C 430 -0.31 -12.01 22.25
N PHE C 431 -0.27 -10.80 21.69
CA PHE C 431 0.75 -9.76 21.99
C PHE C 431 0.99 -9.54 23.48
N PHE C 432 -0.08 -9.27 24.21
CA PHE C 432 0.04 -8.97 25.61
C PHE C 432 0.42 -10.22 26.36
N SER C 433 -0.19 -11.33 26.00
CA SER C 433 0.18 -12.59 26.64
C SER C 433 1.68 -12.83 26.51
N ILE C 434 2.22 -12.56 25.33
CA ILE C 434 3.62 -12.82 25.05
C ILE C 434 4.50 -11.93 25.89
N LEU C 435 4.27 -10.64 25.82
CA LEU C 435 5.15 -9.70 26.49
C LEU C 435 5.08 -9.85 28.00
N MET C 436 3.92 -10.18 28.56
CA MET C 436 3.79 -10.34 29.99
C MET C 436 4.75 -11.42 30.46
N VAL C 437 4.58 -12.62 29.91
CA VAL C 437 5.44 -13.78 30.18
C VAL C 437 6.92 -13.48 29.95
N GLN C 438 7.21 -12.80 28.85
CA GLN C 438 8.54 -12.33 28.51
C GLN C 438 8.99 -11.24 29.51
N ASP C 439 8.01 -10.60 30.17
CA ASP C 439 8.23 -9.45 31.07
C ASP C 439 8.94 -8.29 30.37
N THR C 440 8.41 -7.92 29.21
CA THR C 440 9.00 -6.86 28.40
C THR C 440 7.93 -5.83 27.97
N LEU C 441 6.90 -5.68 28.82
CA LEU C 441 5.85 -4.70 28.57
C LEU C 441 6.42 -3.29 28.48
N ASP C 442 7.14 -2.87 29.54
CA ASP C 442 7.86 -1.59 29.58
C ASP C 442 8.59 -1.30 28.26
N GLN C 443 9.24 -2.30 27.65
CA GLN C 443 10.13 -2.05 26.49
C GLN C 443 9.41 -1.41 25.32
N ASN C 444 10.10 -0.51 24.63
CA ASN C 444 9.61 0.02 23.37
C ASN C 444 9.77 -0.98 22.25
N LEU C 445 8.93 -0.84 21.23
CA LEU C 445 9.02 -1.60 19.98
C LEU C 445 8.58 -0.71 18.85
N GLY C 446 9.44 -0.52 17.86
CA GLY C 446 9.11 0.34 16.75
C GLY C 446 8.72 1.70 17.25
N GLY C 447 9.46 2.18 18.26
CA GLY C 447 9.22 3.48 18.88
C GLY C 447 7.80 3.71 19.37
N VAL C 448 7.24 2.69 20.03
CA VAL C 448 5.94 2.79 20.68
C VAL C 448 5.98 2.00 21.99
N ASN C 449 5.40 2.53 23.06
CA ASN C 449 5.34 1.79 24.31
C ASN C 449 4.02 1.04 24.44
N PRO C 450 4.08 -0.27 24.43
CA PRO C 450 2.90 -1.09 24.57
C PRO C 450 1.92 -0.57 25.57
N LEU C 451 2.43 0.01 26.65
CA LEU C 451 1.56 0.50 27.72
C LEU C 451 0.81 1.82 27.42
N ASP C 452 1.19 2.50 26.34
CA ASP C 452 0.45 3.63 25.76
C ASP C 452 -0.78 3.24 24.92
N LEU C 453 -0.87 1.98 24.49
CA LEU C 453 -1.82 1.61 23.44
C LEU C 453 -3.20 2.19 23.63
N PRO C 454 -3.71 2.21 24.86
CA PRO C 454 -5.05 2.71 25.01
C PRO C 454 -5.15 4.15 24.57
N ALA C 455 -4.25 4.98 25.04
CA ALA C 455 -4.18 6.38 24.62
C ALA C 455 -4.08 6.46 23.11
N ILE C 456 -3.20 5.65 22.56
CA ILE C 456 -2.90 5.69 21.13
C ILE C 456 -4.11 5.33 20.26
N ILE C 457 -4.87 4.36 20.74
CA ILE C 457 -6.02 3.87 20.03
C ILE C 457 -7.18 4.83 20.25
N GLU C 458 -7.32 5.38 21.45
CA GLU C 458 -8.35 6.42 21.69
C GLU C 458 -8.11 7.64 20.86
N ARG C 459 -6.87 8.09 20.78
CA ARG C 459 -6.50 9.17 19.87
C ARG C 459 -6.95 8.82 18.47
N LEU C 460 -6.60 7.66 17.99
CA LEU C 460 -6.68 7.39 16.56
C LEU C 460 -8.04 6.88 16.08
N HIS C 461 -8.71 6.08 16.91
CA HIS C 461 -9.95 5.41 16.52
C HIS C 461 -11.14 5.81 17.35
N GLY C 462 -10.93 6.57 18.42
CA GLY C 462 -12.02 6.91 19.31
C GLY C 462 -12.27 5.88 20.41
N LEU C 463 -12.67 6.39 21.57
CA LEU C 463 -13.06 5.58 22.69
C LEU C 463 -14.02 4.43 22.35
N ASP C 464 -14.76 4.55 21.24
CA ASP C 464 -15.68 3.48 20.82
C ASP C 464 -15.02 2.15 20.42
N ALA C 465 -13.73 2.18 20.11
CA ALA C 465 -12.98 0.99 19.78
C ALA C 465 -12.78 -0.03 20.93
N PHE C 466 -13.15 0.38 22.14
CA PHE C 466 -13.07 -0.48 23.30
C PHE C 466 -14.41 -1.04 23.70
N SER C 467 -15.48 -0.71 22.97
CA SER C 467 -16.83 -1.12 23.36
C SER C 467 -17.68 -1.62 22.22
N MET C 468 -17.05 -1.97 21.12
CA MET C 468 -17.81 -2.28 19.96
C MET C 468 -18.25 -3.71 20.06
N HIS C 469 -19.46 -3.98 19.59
CA HIS C 469 -19.97 -5.34 19.61
C HIS C 469 -20.95 -5.57 18.45
N THR C 470 -21.40 -6.81 18.31
CA THR C 470 -22.37 -7.18 17.31
C THR C 470 -21.77 -6.94 15.96
N TYR C 471 -20.64 -7.59 15.73
CA TYR C 471 -19.97 -7.50 14.47
C TYR C 471 -20.77 -8.18 13.34
N SER C 472 -20.44 -7.84 12.11
CA SER C 472 -21.25 -8.27 10.99
C SER C 472 -21.03 -9.75 10.62
N HIS C 473 -22.00 -10.32 9.95
CA HIS C 473 -21.88 -11.69 9.49
C HIS C 473 -20.65 -11.89 8.61
N HIS C 474 -20.49 -11.02 7.60
CA HIS C 474 -19.31 -11.09 6.73
C HIS C 474 -18.02 -11.14 7.52
N GLU C 475 -17.94 -10.32 8.57
CA GLU C 475 -16.72 -10.17 9.32
C GLU C 475 -16.48 -11.35 10.25
N LEU C 476 -17.53 -11.77 10.97
CA LEU C 476 -17.43 -13.00 11.77
C LEU C 476 -17.10 -14.21 10.90
N THR C 477 -17.75 -14.31 9.75
CA THR C 477 -17.51 -15.45 8.91
C THR C 477 -16.06 -15.46 8.46
N ARG C 478 -15.57 -14.32 7.97
CA ARG C 478 -14.24 -14.20 7.41
C ARG C 478 -13.15 -14.44 8.45
N VAL C 479 -13.38 -13.95 9.67
CA VAL C 479 -12.44 -14.19 10.73
C VAL C 479 -12.36 -15.66 11.12
N ALA C 480 -13.52 -16.24 11.37
CA ALA C 480 -13.58 -17.65 11.76
C ALA C 480 -12.92 -18.47 10.68
N SER C 481 -13.19 -18.11 9.45
CA SER C 481 -12.70 -18.91 8.36
C SER C 481 -11.17 -18.81 8.27
N ALA C 482 -10.62 -17.64 8.57
CA ALA C 482 -9.19 -17.43 8.48
C ALA C 482 -8.40 -18.13 9.60
N LEU C 483 -9.01 -18.25 10.77
CA LEU C 483 -8.35 -18.85 11.91
C LEU C 483 -8.34 -20.36 11.71
N ARG C 484 -9.46 -20.86 11.18
CA ARG C 484 -9.56 -22.26 10.79
C ARG C 484 -8.49 -22.58 9.71
N LYS C 485 -8.38 -21.71 8.71
CA LYS C 485 -7.39 -21.85 7.63
C LYS C 485 -5.93 -21.89 8.09
N LEU C 486 -5.56 -21.13 9.12
CA LEU C 486 -4.17 -21.16 9.61
C LEU C 486 -3.97 -22.05 10.85
N GLY C 487 -5.03 -22.74 11.26
CA GLY C 487 -4.93 -23.66 12.35
C GLY C 487 -4.68 -22.93 13.65
N ALA C 488 -5.38 -21.82 13.84
CA ALA C 488 -5.32 -21.08 15.07
C ALA C 488 -6.56 -21.39 15.87
N PRO C 489 -6.52 -21.13 17.18
CA PRO C 489 -7.71 -21.40 17.95
C PRO C 489 -8.86 -20.54 17.51
N PRO C 490 -10.08 -21.03 17.67
CA PRO C 490 -11.26 -20.26 17.33
C PRO C 490 -11.58 -19.19 18.38
N LEU C 491 -12.53 -18.33 18.05
CA LEU C 491 -12.77 -17.16 18.87
C LEU C 491 -13.07 -17.48 20.33
N ARG C 492 -13.85 -18.51 20.62
CA ARG C 492 -14.13 -18.83 22.05
C ARG C 492 -12.87 -19.06 22.86
N VAL C 493 -11.88 -19.72 22.29
CA VAL C 493 -10.63 -19.93 23.03
C VAL C 493 -9.93 -18.61 23.32
N TRP C 494 -9.97 -17.71 22.33
CA TRP C 494 -9.35 -16.41 22.53
C TRP C 494 -10.12 -15.65 23.60
N LYS C 495 -11.44 -15.84 23.70
CA LYS C 495 -12.20 -15.25 24.85
C LYS C 495 -11.55 -15.74 26.16
N SER C 496 -11.33 -17.05 26.35
CA SER C 496 -10.69 -17.58 27.59
C SER C 496 -9.32 -17.01 27.82
N ARG C 497 -8.48 -17.05 26.79
CA ARG C 497 -7.12 -16.54 26.98
C ARG C 497 -7.11 -15.09 27.32
N ALA C 498 -8.11 -14.38 26.84
CA ALA C 498 -8.17 -12.94 27.06
C ALA C 498 -8.53 -12.62 28.52
N ARG C 499 -9.48 -13.34 29.09
CA ARG C 499 -9.87 -13.15 30.51
C ARG C 499 -8.62 -13.26 31.37
N ALA C 500 -7.77 -14.24 31.06
CA ALA C 500 -6.56 -14.51 31.85
C ALA C 500 -5.55 -13.42 31.68
N VAL C 501 -5.33 -13.04 30.44
CA VAL C 501 -4.42 -11.96 30.17
C VAL C 501 -4.92 -10.72 30.89
N ARG C 502 -6.23 -10.50 30.83
CA ARG C 502 -6.87 -9.34 31.43
C ARG C 502 -6.58 -9.29 32.93
N ALA C 503 -6.95 -10.37 33.61
CA ALA C 503 -6.75 -10.52 35.07
C ALA C 503 -5.31 -10.25 35.49
N SER C 504 -4.36 -10.75 34.71
CA SER C 504 -2.95 -10.57 35.05
C SER C 504 -2.48 -9.16 34.83
N LEU C 505 -3.06 -8.48 33.85
CA LEU C 505 -2.67 -7.10 33.59
C LEU C 505 -3.25 -6.17 34.67
N ILE C 506 -4.53 -6.40 34.99
CA ILE C 506 -5.23 -5.64 36.03
C ILE C 506 -4.45 -5.76 37.35
N SER C 507 -4.23 -7.00 37.79
CA SER C 507 -3.51 -7.26 39.02
C SER C 507 -2.04 -6.86 38.95
N ARG C 508 -1.58 -6.22 37.89
CA ARG C 508 -0.24 -5.68 37.85
C ARG C 508 -0.23 -4.21 38.20
N GLY C 509 -1.40 -3.58 38.15
CA GLY C 509 -1.54 -2.14 38.39
C GLY C 509 -0.75 -1.27 37.41
N GLY C 510 -0.88 0.04 37.58
CA GLY C 510 -0.15 0.98 36.75
C GLY C 510 -0.77 1.01 35.37
N LYS C 511 0.04 1.37 34.38
CA LYS C 511 -0.43 1.46 33.02
C LYS C 511 -0.94 0.09 32.48
N ALA C 512 -0.31 -1.00 32.93
CA ALA C 512 -0.77 -2.35 32.61
C ALA C 512 -2.25 -2.47 32.91
N ALA C 513 -2.64 -2.10 34.11
CA ALA C 513 -4.00 -2.32 34.53
C ALA C 513 -4.96 -1.54 33.64
N VAL C 514 -4.50 -0.38 33.18
CA VAL C 514 -5.30 0.46 32.31
C VAL C 514 -5.48 -0.29 31.00
N CYS C 515 -4.34 -0.73 30.42
CA CYS C 515 -4.33 -1.64 29.26
C CYS C 515 -5.32 -2.80 29.43
N GLY C 516 -5.29 -3.44 30.59
CA GLY C 516 -6.14 -4.60 30.80
C GLY C 516 -7.60 -4.26 30.90
N ARG C 517 -7.91 -3.02 31.22
CA ARG C 517 -9.28 -2.63 31.48
C ARG C 517 -9.91 -2.06 30.23
N TYR C 518 -9.17 -1.23 29.51
CA TYR C 518 -9.64 -0.67 28.22
C TYR C 518 -9.58 -1.68 27.04
N LEU C 519 -8.42 -2.31 26.84
CA LEU C 519 -8.26 -3.21 25.72
C LEU C 519 -9.07 -4.48 25.83
N PHE C 520 -9.42 -4.90 27.04
CA PHE C 520 -10.05 -6.24 27.23
C PHE C 520 -11.42 -6.26 27.91
N ASN C 521 -12.03 -5.08 28.01
CA ASN C 521 -13.37 -4.97 28.51
C ASN C 521 -14.36 -5.79 27.69
N TRP C 522 -14.06 -6.03 26.42
CA TRP C 522 -14.89 -6.93 25.61
C TRP C 522 -14.97 -8.33 26.21
N ALA C 523 -13.99 -8.69 27.03
CA ALA C 523 -13.85 -10.08 27.44
C ALA C 523 -14.61 -10.42 28.71
N VAL C 524 -15.02 -9.43 29.50
CA VAL C 524 -15.75 -9.75 30.74
C VAL C 524 -17.29 -9.63 30.63
N LYS C 525 -17.97 -10.46 31.43
CA LYS C 525 -19.43 -10.61 31.39
C LYS C 525 -20.11 -9.36 31.93
N THR C 526 -19.59 -8.87 33.06
CA THR C 526 -19.99 -7.57 33.58
C THR C 526 -18.87 -6.60 33.17
N LYS C 527 -19.24 -5.63 32.33
CA LYS C 527 -18.31 -4.66 31.78
C LYS C 527 -17.86 -3.71 32.88
N LEU C 528 -16.99 -2.77 32.52
CA LEU C 528 -16.78 -1.55 33.30
C LEU C 528 -17.33 -0.38 32.47
N LYS C 529 -17.32 0.82 33.07
CA LYS C 529 -17.65 2.04 32.36
C LYS C 529 -16.33 2.77 32.06
N LEU C 530 -15.96 2.80 30.78
CA LEU C 530 -14.67 3.38 30.35
C LEU C 530 -14.81 4.86 30.03
N THR C 531 -14.07 5.70 30.73
CA THR C 531 -14.11 7.15 30.55
C THR C 531 -12.93 7.57 29.70
N PRO C 532 -13.00 8.72 29.01
CA PRO C 532 -11.82 9.16 28.26
C PRO C 532 -10.51 9.17 29.07
N LEU C 533 -9.40 9.21 28.33
CA LEU C 533 -8.08 9.10 28.91
C LEU C 533 -7.36 10.45 28.85
N PRO C 534 -6.90 10.95 30.02
CA PRO C 534 -6.11 12.18 30.05
C PRO C 534 -5.07 12.22 28.91
N GLU C 535 -4.21 11.18 28.85
CA GLU C 535 -3.03 11.17 27.98
C GLU C 535 -3.31 11.50 26.50
N ALA C 536 -4.54 11.31 26.03
CA ALA C 536 -4.82 11.33 24.58
C ALA C 536 -4.91 12.70 23.84
N ARG C 537 -5.44 13.77 24.47
CA ARG C 537 -5.70 15.07 23.77
C ARG C 537 -4.45 15.95 23.65
MN MN D . -3.71 -2.52 -6.69
MN MN E . -3.21 -3.98 -9.66
MN MN F . 10.13 17.31 -22.32
CL CL G . -22.80 4.22 20.38
C2 5GS H . 5.04 -0.79 -5.73
C5 5GS H . 3.66 -2.85 -4.55
C4 5GS H . 4.96 -2.46 -4.12
N3 5GS H . 5.64 -1.45 -4.72
N1 5GS H . 3.72 -1.12 -6.19
C6 5GS H . 3.06 -2.15 -5.60
O4 5GS H . 5.58 -3.11 -3.11
O2 5GS H . 5.75 0.22 -6.30
O2B 5GS H . -1.19 -4.27 -10.14
PB 5GS H . -0.09 -5.21 -9.60
O3B 5GS H . 1.30 -4.83 -10.07
O1B 5GS H . -0.30 -6.70 -9.74
O3A 5GS H . -0.08 -5.00 -8.00
PA 5GS H . -0.94 -3.95 -7.13
O1A 5GS H . -0.81 -4.34 -5.69
O2A 5GS H . -2.33 -3.71 -7.70
O5' 5GS H . -0.01 -2.66 -7.26
C5' 5GS H . -0.14 -1.65 -8.27
C4' 5GS H . 1.20 -0.96 -8.54
C3' 5GS H . 2.27 -1.94 -8.95
O3' 5GS H . 2.20 -2.43 -10.30
C2' 5GS H . 3.53 -1.14 -8.64
C2M 5GS H . 4.64 -2.16 -8.50
O2' 5GS H . 3.88 -0.14 -9.66
O4' 5GS H . 1.74 -0.29 -7.36
C1' 5GS H . 3.17 -0.39 -7.33
#